data_7PC3
#
_entry.id   7PC3
#
_cell.length_a   55.670
_cell.length_b   61.320
_cell.length_c   143.050
_cell.angle_alpha   90.000
_cell.angle_beta   90.000
_cell.angle_gamma   90.000
#
_symmetry.space_group_name_H-M   'P 21 21 21'
#
loop_
_entity.id
_entity.type
_entity.pdbx_description
1 polymer 'Disks large homolog 1,Annexin A2'
2 polymer 'Protein Tax-1'
3 non-polymer 'CALCIUM ION'
4 non-polymer GLYCEROL
5 non-polymer 'SULFATE ION'
6 water water
#
loop_
_entity_poly.entity_id
_entity_poly.type
_entity_poly.pdbx_seq_one_letter_code
_entity_poly.pdbx_strand_id
1 'polypeptide(L)'
;GSHMGSEKIMEIKLIKGPKGLGFSIAGGVGNQHIPGDNSIYVTKIIEGGAAHKDGKLQIGDKLLAVNNVCLEEVTHEEAV
TALKNTSDFVYLKVAKPTSMYMNDGSAYTNFDAERDALNIETAIKTKGVDEVTIVNILTNRSNEQRQDIAFAYQRRTKKE
LASALKSALSGHLETVILGLLKTPAQYDASELKASMKGLGTDEDSLIEIICSRTNQELQEINRVYKEMYKTDLEKDIISD
TSGDFRKLMVALAKGRRAEDGSVIDYELIDQDARDLYDAGVKRKGTDVPKWISIMTERSVPHLQKVFDRYKSYSPYDMLE
SIRKEVKGDLENAFLNLVQCIQNKPLYFADRLYDSMKGKGTRDKVLIRIMVSRSEVDMLKIRSEFKRKYGKSLYYYIQQD
TKGDYQKALLYLCGGDD
;
A
2 'polypeptide(L)' SEKHFRETEV C
#
# COMPACT_ATOMS: atom_id res chain seq x y z
N SER A 6 -11.17 -12.15 8.51
CA SER A 6 -12.24 -11.30 9.02
C SER A 6 -11.97 -10.91 10.47
N GLU A 7 -11.88 -9.60 10.73
CA GLU A 7 -11.72 -9.13 12.10
C GLU A 7 -13.02 -9.33 12.87
N LYS A 8 -12.88 -9.58 14.18
CA LYS A 8 -14.02 -9.91 15.01
C LYS A 8 -14.88 -8.67 15.24
N ILE A 9 -16.15 -8.75 14.83
CA ILE A 9 -17.12 -7.70 15.10
C ILE A 9 -17.84 -8.03 16.38
N MET A 10 -17.96 -7.04 17.27
CA MET A 10 -18.48 -7.23 18.62
C MET A 10 -19.55 -6.20 18.90
N GLU A 11 -20.58 -6.61 19.64
CA GLU A 11 -21.62 -5.71 20.12
C GLU A 11 -21.36 -5.35 21.57
N ILE A 12 -21.36 -4.05 21.87
CA ILE A 12 -21.18 -3.54 23.22
C ILE A 12 -22.32 -2.60 23.53
N LYS A 13 -23.00 -2.83 24.66
CA LYS A 13 -24.10 -1.98 25.08
C LYS A 13 -23.72 -1.24 26.36
N LEU A 14 -23.98 0.06 26.38
CA LEU A 14 -23.62 0.93 27.49
C LEU A 14 -24.81 1.80 27.88
N ILE A 15 -24.83 2.21 29.14
CA ILE A 15 -25.76 3.22 29.63
C ILE A 15 -25.01 4.55 29.69
N LYS A 16 -25.53 5.56 29.02
CA LYS A 16 -24.90 6.88 29.04
C LYS A 16 -24.95 7.45 30.45
N GLY A 17 -23.77 7.67 31.03
CA GLY A 17 -23.67 8.19 32.37
C GLY A 17 -23.67 9.70 32.42
N PRO A 18 -23.58 10.27 33.62
CA PRO A 18 -23.58 11.74 33.74
C PRO A 18 -22.44 12.40 33.00
N LYS A 19 -21.34 11.70 32.75
CA LYS A 19 -20.20 12.23 32.02
C LYS A 19 -20.00 11.52 30.69
N GLY A 20 -21.08 10.98 30.13
CA GLY A 20 -21.02 10.39 28.80
C GLY A 20 -20.73 8.91 28.76
N LEU A 21 -20.13 8.46 27.66
CA LEU A 21 -19.83 7.05 27.46
C LEU A 21 -18.51 6.63 28.07
N GLY A 22 -17.60 7.57 28.29
CA GLY A 22 -16.34 7.25 28.93
C GLY A 22 -15.23 6.79 28.01
N PHE A 23 -15.18 7.27 26.77
CA PHE A 23 -14.05 6.99 25.91
C PHE A 23 -13.86 8.14 24.93
N SER A 24 -12.70 8.14 24.27
CA SER A 24 -12.33 9.16 23.30
C SER A 24 -12.14 8.50 21.94
N ILE A 25 -12.43 9.27 20.88
CA ILE A 25 -12.32 8.77 19.53
C ILE A 25 -11.41 9.69 18.73
N ALA A 26 -10.70 9.09 17.77
CA ALA A 26 -10.00 9.82 16.72
C ALA A 26 -10.45 9.25 15.39
N GLY A 27 -9.86 9.74 14.31
CA GLY A 27 -10.20 9.26 12.99
C GLY A 27 -11.35 10.03 12.37
N GLY A 28 -11.78 9.53 11.23
CA GLY A 28 -12.84 10.17 10.46
C GLY A 28 -12.35 10.66 9.12
N VAL A 29 -13.28 10.88 8.18
CA VAL A 29 -12.94 11.52 6.92
C VAL A 29 -12.32 12.87 7.22
N GLY A 30 -11.18 13.14 6.58
CA GLY A 30 -10.46 14.38 6.83
C GLY A 30 -9.74 14.45 8.15
N ASN A 31 -9.62 13.32 8.86
CA ASN A 31 -8.99 13.30 10.18
C ASN A 31 -8.40 11.92 10.43
N GLN A 32 -7.76 11.34 9.41
CA GLN A 32 -7.38 9.94 9.42
C GLN A 32 -6.46 9.63 10.60
N HIS A 33 -6.83 8.60 11.36
CA HIS A 33 -6.00 8.13 12.46
C HIS A 33 -4.85 7.26 11.95
N ILE A 34 -5.08 6.53 10.86
CA ILE A 34 -4.05 5.77 10.16
C ILE A 34 -4.08 6.23 8.71
N PRO A 35 -2.93 6.48 8.07
CA PRO A 35 -2.95 6.95 6.68
C PRO A 35 -3.74 6.03 5.77
N GLY A 36 -4.63 6.63 4.97
CA GLY A 36 -5.48 5.88 4.06
C GLY A 36 -6.71 5.27 4.69
N ASP A 37 -6.98 5.55 5.97
CA ASP A 37 -8.08 4.91 6.69
C ASP A 37 -8.93 6.00 7.35
N ASN A 38 -10.19 6.09 6.94
CA ASN A 38 -11.10 7.11 7.47
C ASN A 38 -11.89 6.63 8.69
N SER A 39 -11.63 5.43 9.19
CA SER A 39 -12.46 4.85 10.23
C SER A 39 -12.32 5.61 11.55
N ILE A 40 -13.33 5.45 12.40
CA ILE A 40 -13.33 6.01 13.75
C ILE A 40 -12.69 4.99 14.69
N TYR A 41 -11.75 5.46 15.51
CA TYR A 41 -10.99 4.57 16.40
C TYR A 41 -11.09 5.06 17.85
N VAL A 42 -11.17 4.10 18.77
CA VAL A 42 -11.11 4.41 20.19
C VAL A 42 -9.66 4.64 20.57
N THR A 43 -9.38 5.78 21.22
CA THR A 43 -8.02 6.14 21.59
C THR A 43 -7.80 6.31 23.08
N LYS A 44 -8.87 6.27 23.88
CA LYS A 44 -8.71 6.41 25.33
C LYS A 44 -9.96 5.82 26.00
N ILE A 45 -9.74 5.17 27.13
CA ILE A 45 -10.83 4.69 27.98
C ILE A 45 -10.76 5.47 29.29
N ILE A 46 -11.86 6.15 29.62
CA ILE A 46 -11.90 7.01 30.80
C ILE A 46 -12.14 6.14 32.04
N GLU A 47 -11.20 6.17 32.98
CA GLU A 47 -11.35 5.40 34.20
C GLU A 47 -12.61 5.82 34.95
N GLY A 48 -13.35 4.84 35.44
CA GLY A 48 -14.59 5.08 36.14
C GLY A 48 -15.80 5.27 35.25
N GLY A 49 -15.61 5.42 33.94
CA GLY A 49 -16.71 5.63 33.04
C GLY A 49 -17.42 4.35 32.67
N ALA A 50 -18.47 4.49 31.84
CA ALA A 50 -19.29 3.35 31.46
C ALA A 50 -18.49 2.35 30.62
N ALA A 51 -17.68 2.83 29.68
CA ALA A 51 -16.86 1.95 28.86
C ALA A 51 -15.88 1.16 29.72
N HIS A 52 -15.26 1.83 30.70
CA HIS A 52 -14.28 1.15 31.56
C HIS A 52 -14.94 0.09 32.42
N LYS A 53 -16.08 0.42 33.02
CA LYS A 53 -16.74 -0.55 33.90
C LYS A 53 -17.30 -1.72 33.12
N ASP A 54 -17.66 -1.52 31.85
CA ASP A 54 -18.10 -2.63 31.01
C ASP A 54 -16.94 -3.56 30.67
N GLY A 55 -15.77 -2.98 30.36
CA GLY A 55 -14.56 -3.75 30.19
C GLY A 55 -14.30 -4.29 28.79
N LYS A 56 -15.29 -4.23 27.89
CA LYS A 56 -15.11 -4.83 26.58
C LYS A 56 -14.39 -3.90 25.61
N LEU A 57 -14.73 -2.61 25.64
CA LEU A 57 -14.12 -1.67 24.69
C LEU A 57 -12.66 -1.42 25.04
N GLN A 58 -11.81 -1.37 24.01
CA GLN A 58 -10.38 -1.22 24.19
C GLN A 58 -9.83 -0.18 23.24
N ILE A 59 -8.67 0.39 23.60
CA ILE A 59 -7.98 1.30 22.70
C ILE A 59 -7.60 0.55 21.43
N GLY A 60 -7.76 1.23 20.29
CA GLY A 60 -7.53 0.61 19.01
C GLY A 60 -8.76 -0.02 18.37
N ASP A 61 -9.85 -0.15 19.12
CA ASP A 61 -11.09 -0.65 18.55
C ASP A 61 -11.62 0.34 17.51
N LYS A 62 -12.26 -0.21 16.47
CA LYS A 62 -12.86 0.57 15.40
C LYS A 62 -14.37 0.59 15.59
N LEU A 63 -14.96 1.78 15.58
CA LEU A 63 -16.40 1.93 15.74
C LEU A 63 -17.08 1.78 14.38
N LEU A 64 -18.02 0.85 14.30
CA LEU A 64 -18.76 0.63 13.06
C LEU A 64 -20.12 1.31 13.05
N ALA A 65 -20.78 1.41 14.19
CA ALA A 65 -22.12 2.00 14.27
C ALA A 65 -22.45 2.26 15.73
N VAL A 66 -23.33 3.23 15.94
CA VAL A 66 -23.94 3.46 17.25
C VAL A 66 -25.43 3.67 17.03
N ASN A 67 -26.25 2.84 17.67
CA ASN A 67 -27.70 2.85 17.49
C ASN A 67 -28.03 2.87 16.00
N ASN A 68 -28.78 3.88 15.55
CA ASN A 68 -29.23 3.94 14.16
C ASN A 68 -28.25 4.60 13.21
N VAL A 69 -27.05 4.94 13.66
CA VAL A 69 -26.09 5.70 12.85
C VAL A 69 -24.92 4.80 12.47
N CYS A 70 -24.70 4.65 11.16
CA CYS A 70 -23.51 3.96 10.66
C CYS A 70 -22.31 4.92 10.72
N LEU A 71 -21.20 4.43 11.24
CA LEU A 71 -20.02 5.26 11.49
C LEU A 71 -18.88 4.97 10.52
N GLU A 72 -19.19 4.35 9.39
CA GLU A 72 -18.18 4.10 8.36
C GLU A 72 -18.18 5.26 7.37
N GLU A 73 -16.99 5.80 7.09
CA GLU A 73 -16.81 6.90 6.14
C GLU A 73 -17.62 8.13 6.54
N VAL A 74 -17.48 8.51 7.81
CA VAL A 74 -18.06 9.75 8.31
C VAL A 74 -16.92 10.67 8.75
N THR A 75 -17.21 11.97 8.78
CA THR A 75 -16.23 12.90 9.31
C THR A 75 -16.13 12.74 10.83
N HIS A 76 -15.07 13.31 11.40
CA HIS A 76 -14.91 13.26 12.85
C HIS A 76 -16.08 13.94 13.55
N GLU A 77 -16.51 15.10 13.05
CA GLU A 77 -17.61 15.83 13.67
C GLU A 77 -18.93 15.07 13.56
N GLU A 78 -19.13 14.34 12.43
CA GLU A 78 -20.33 13.51 12.32
C GLU A 78 -20.33 12.40 13.36
N ALA A 79 -19.17 11.77 13.58
CA ALA A 79 -19.10 10.72 14.59
C ALA A 79 -19.34 11.29 16.00
N VAL A 80 -18.76 12.44 16.29
CA VAL A 80 -18.96 13.07 17.60
C VAL A 80 -20.44 13.38 17.82
N THR A 81 -21.07 14.01 16.82
CA THR A 81 -22.49 14.33 16.95
C THR A 81 -23.33 13.07 17.17
N ALA A 82 -23.03 12.00 16.42
CA ALA A 82 -23.77 10.76 16.59
C ALA A 82 -23.58 10.19 17.99
N LEU A 83 -22.36 10.24 18.52
CA LEU A 83 -22.08 9.63 19.82
C LEU A 83 -22.54 10.50 20.98
N LYS A 84 -22.74 11.80 20.78
CA LYS A 84 -23.18 12.67 21.86
C LYS A 84 -24.68 12.89 21.89
N ASN A 85 -25.40 12.49 20.84
CA ASN A 85 -26.85 12.73 20.80
C ASN A 85 -27.62 11.42 20.71
N THR A 86 -27.31 10.48 21.58
CA THR A 86 -27.98 9.18 21.61
C THR A 86 -29.02 9.14 22.74
N SER A 87 -29.82 8.08 22.70
CA SER A 87 -30.57 7.66 23.86
C SER A 87 -29.63 7.34 25.02
N ASP A 88 -30.22 7.14 26.20
CA ASP A 88 -29.42 6.65 27.33
C ASP A 88 -28.91 5.24 27.08
N PHE A 89 -29.63 4.47 26.26
CA PHE A 89 -29.23 3.11 25.91
C PHE A 89 -28.43 3.16 24.61
N VAL A 90 -27.15 2.81 24.69
CA VAL A 90 -26.22 2.97 23.59
C VAL A 90 -25.74 1.59 23.16
N TYR A 91 -25.96 1.27 21.89
CA TYR A 91 -25.58 -0.01 21.33
C TYR A 91 -24.48 0.22 20.29
N LEU A 92 -23.25 -0.15 20.65
CA LEU A 92 -22.10 0.05 19.79
C LEU A 92 -21.78 -1.23 19.03
N LYS A 93 -21.50 -1.07 17.74
CA LYS A 93 -20.93 -2.14 16.93
C LYS A 93 -19.46 -1.81 16.74
N VAL A 94 -18.59 -2.75 17.12
N VAL A 94 -18.57 -2.71 17.18
CA VAL A 94 -17.15 -2.51 17.22
CA VAL A 94 -17.15 -2.46 17.14
C VAL A 94 -16.40 -3.64 16.50
C VAL A 94 -16.45 -3.60 16.42
N ALA A 95 -15.33 -3.28 15.80
CA ALA A 95 -14.46 -4.26 15.15
C ALA A 95 -13.12 -4.28 15.88
N LYS A 96 -12.70 -5.47 16.33
CA LYS A 96 -11.45 -5.63 17.04
C LYS A 96 -10.30 -5.82 16.06
N PRO A 97 -9.11 -5.35 16.39
CA PRO A 97 -7.96 -5.51 15.50
C PRO A 97 -7.39 -6.92 15.60
N THR A 98 -6.51 -7.23 14.67
CA THR A 98 -5.90 -8.56 14.70
C THR A 98 -4.39 -8.45 14.65
N SER A 106 -0.74 4.73 15.86
CA SER A 106 -0.07 4.51 17.14
C SER A 106 0.01 5.80 17.95
N ALA A 107 0.09 5.67 19.28
CA ALA A 107 0.26 6.81 20.17
C ALA A 107 1.74 7.22 20.18
N TYR A 108 2.17 7.75 19.04
CA TYR A 108 3.57 8.11 18.80
C TYR A 108 3.75 9.58 19.09
N THR A 109 4.54 9.90 20.12
CA THR A 109 4.77 11.27 20.53
C THR A 109 6.12 11.75 20.02
N ASN A 110 6.33 13.07 20.15
CA ASN A 110 7.64 13.62 19.83
C ASN A 110 8.72 13.03 20.73
N PHE A 111 8.38 12.74 21.99
CA PHE A 111 9.30 12.02 22.86
C PHE A 111 9.75 10.71 22.22
N ASP A 112 8.81 10.00 21.59
CA ASP A 112 9.16 8.76 20.90
C ASP A 112 10.10 9.02 19.73
N ALA A 113 9.80 10.04 18.92
CA ALA A 113 10.65 10.37 17.79
C ALA A 113 12.05 10.79 18.25
N GLU A 114 12.12 11.63 19.28
CA GLU A 114 13.42 12.08 19.78
C GLU A 114 14.19 10.93 20.41
N ARG A 115 13.51 10.07 21.18
CA ARG A 115 14.17 8.91 21.76
C ARG A 115 14.68 7.97 20.68
N ASP A 116 13.88 7.74 19.63
CA ASP A 116 14.32 6.90 18.53
C ASP A 116 15.56 7.47 17.85
N ALA A 117 15.54 8.78 17.56
CA ALA A 117 16.68 9.42 16.93
C ALA A 117 17.92 9.32 17.81
N LEU A 118 17.76 9.49 19.12
CA LEU A 118 18.90 9.42 20.03
C LEU A 118 19.46 8.00 20.11
N ASN A 119 18.58 6.99 20.20
CA ASN A 119 19.04 5.61 20.25
C ASN A 119 19.67 5.17 18.92
N ILE A 120 19.18 5.70 17.80
CA ILE A 120 19.78 5.37 16.51
C ILE A 120 21.17 6.00 16.40
N GLU A 121 21.33 7.23 16.89
CA GLU A 121 22.65 7.84 16.89
C GLU A 121 23.64 7.01 17.71
N THR A 122 23.22 6.58 18.90
CA THR A 122 24.09 5.73 19.72
C THR A 122 24.44 4.46 18.99
N ALA A 123 23.47 3.85 18.31
CA ALA A 123 23.74 2.63 17.56
C ALA A 123 24.69 2.88 16.40
N ILE A 124 24.62 4.05 15.77
CA ILE A 124 25.53 4.36 14.66
C ILE A 124 26.94 4.58 15.18
N LYS A 125 27.08 5.31 16.29
CA LYS A 125 28.40 5.64 16.82
C LYS A 125 29.06 4.49 17.57
N THR A 126 28.33 3.43 17.88
CA THR A 126 28.91 2.29 18.56
C THR A 126 29.95 1.61 17.68
N LYS A 127 31.03 1.14 18.29
CA LYS A 127 32.08 0.45 17.55
C LYS A 127 31.52 -0.79 16.86
N GLY A 128 31.71 -0.86 15.54
CA GLY A 128 31.19 -1.95 14.75
C GLY A 128 29.75 -1.78 14.31
N VAL A 129 29.07 -0.72 14.74
CA VAL A 129 27.69 -0.40 14.38
C VAL A 129 26.73 -1.42 14.98
N ASP A 130 25.79 -0.95 15.79
CA ASP A 130 24.75 -1.80 16.36
C ASP A 130 23.59 -1.88 15.37
N GLU A 131 23.77 -2.72 14.35
CA GLU A 131 22.75 -2.87 13.31
C GLU A 131 21.44 -3.40 13.88
N VAL A 132 21.50 -4.22 14.93
CA VAL A 132 20.29 -4.83 15.49
C VAL A 132 19.34 -3.74 15.99
N THR A 133 19.88 -2.75 16.71
CA THR A 133 19.05 -1.66 17.22
C THR A 133 18.46 -0.84 16.08
N ILE A 134 19.29 -0.50 15.08
CA ILE A 134 18.81 0.26 13.93
C ILE A 134 17.64 -0.46 13.26
N VAL A 135 17.78 -1.77 13.07
CA VAL A 135 16.73 -2.53 12.41
C VAL A 135 15.48 -2.63 13.29
N ASN A 136 15.67 -2.91 14.59
CA ASN A 136 14.54 -3.07 15.50
C ASN A 136 13.65 -1.84 15.51
N ILE A 137 14.26 -0.65 15.47
CA ILE A 137 13.49 0.59 15.50
C ILE A 137 12.84 0.85 14.15
N LEU A 138 13.67 1.02 13.11
CA LEU A 138 13.17 1.58 11.85
C LEU A 138 12.16 0.66 11.17
N THR A 139 12.36 -0.65 11.23
CA THR A 139 11.42 -1.57 10.59
C THR A 139 10.15 -1.77 11.41
N ASN A 140 10.07 -1.20 12.61
CA ASN A 140 8.87 -1.28 13.44
C ASN A 140 8.26 0.10 13.66
N ARG A 141 8.49 1.00 12.72
CA ARG A 141 7.85 2.32 12.70
C ARG A 141 7.23 2.54 11.33
N SER A 142 6.16 3.33 11.31
CA SER A 142 5.53 3.66 10.05
C SER A 142 6.41 4.64 9.26
N ASN A 143 6.05 4.84 8.00
CA ASN A 143 6.83 5.75 7.16
C ASN A 143 6.81 7.17 7.71
N GLU A 144 5.63 7.63 8.15
CA GLU A 144 5.54 8.97 8.74
C GLU A 144 6.35 9.08 10.01
N GLN A 145 6.38 8.00 10.81
CA GLN A 145 7.18 8.02 12.03
C GLN A 145 8.67 8.06 11.73
N ARG A 146 9.10 7.33 10.69
CA ARG A 146 10.50 7.40 10.27
C ARG A 146 10.87 8.80 9.81
N GLN A 147 9.95 9.48 9.12
CA GLN A 147 10.20 10.86 8.72
C GLN A 147 10.40 11.74 9.95
N ASP A 148 9.56 11.58 10.97
CA ASP A 148 9.76 12.29 12.23
C ASP A 148 11.12 11.98 12.83
N ILE A 149 11.54 10.71 12.78
CA ILE A 149 12.85 10.33 13.31
C ILE A 149 13.96 11.02 12.53
N ALA A 150 13.85 11.07 11.20
CA ALA A 150 14.89 11.67 10.39
C ALA A 150 15.02 13.17 10.66
N PHE A 151 13.89 13.85 10.85
CA PHE A 151 13.95 15.28 11.18
C PHE A 151 14.51 15.50 12.57
N ALA A 152 14.11 14.68 13.54
CA ALA A 152 14.68 14.78 14.88
C ALA A 152 16.17 14.49 14.88
N TYR A 153 16.59 13.52 14.05
CA TYR A 153 18.01 13.20 13.96
C TYR A 153 18.80 14.37 13.41
N GLN A 154 18.29 15.01 12.36
CA GLN A 154 18.99 16.15 11.77
C GLN A 154 19.07 17.31 12.76
N ARG A 155 18.00 17.56 13.51
CA ARG A 155 18.02 18.63 14.50
C ARG A 155 19.05 18.35 15.60
N ARG A 156 19.28 17.07 15.92
CA ARG A 156 20.19 16.74 17.00
C ARG A 156 21.65 16.70 16.54
N THR A 157 21.92 16.11 15.38
CA THR A 157 23.29 15.91 14.92
C THR A 157 23.74 16.91 13.86
N LYS A 158 22.82 17.72 13.32
CA LYS A 158 23.09 18.59 12.17
C LYS A 158 23.61 17.79 10.97
N LYS A 159 23.16 16.54 10.85
CA LYS A 159 23.51 15.66 9.75
C LYS A 159 22.29 14.86 9.34
N GLU A 160 22.25 14.47 8.07
CA GLU A 160 21.12 13.73 7.54
C GLU A 160 21.20 12.27 7.97
N LEU A 161 20.07 11.72 8.42
CA LEU A 161 20.05 10.34 8.89
C LEU A 161 20.34 9.36 7.77
N ALA A 162 19.79 9.61 6.58
CA ALA A 162 20.03 8.71 5.45
C ALA A 162 21.51 8.63 5.11
N SER A 163 22.19 9.79 5.08
CA SER A 163 23.63 9.78 4.79
C SER A 163 24.41 9.08 5.88
N ALA A 164 24.03 9.28 7.15
CA ALA A 164 24.72 8.60 8.24
C ALA A 164 24.54 7.09 8.15
N LEU A 165 23.33 6.64 7.79
CA LEU A 165 23.08 5.20 7.69
C LEU A 165 23.71 4.60 6.44
N LYS A 166 23.84 5.38 5.37
CA LYS A 166 24.54 4.89 4.20
C LYS A 166 25.99 4.55 4.53
N SER A 167 26.62 5.35 5.38
CA SER A 167 28.01 5.11 5.77
C SER A 167 28.13 3.96 6.75
N ALA A 168 27.15 3.79 7.65
CA ALA A 168 27.23 2.77 8.69
C ALA A 168 26.79 1.39 8.24
N LEU A 169 25.98 1.29 7.18
CA LEU A 169 25.42 0.03 6.71
C LEU A 169 25.95 -0.30 5.32
N SER A 170 25.83 -1.57 4.95
CA SER A 170 26.25 -2.03 3.63
C SER A 170 25.35 -3.18 3.20
N GLY A 171 25.55 -3.63 1.96
CA GLY A 171 24.83 -4.78 1.43
C GLY A 171 23.34 -4.54 1.25
N HIS A 172 22.61 -5.66 1.25
CA HIS A 172 21.16 -5.60 1.05
C HIS A 172 20.47 -4.90 2.22
N LEU A 173 21.05 -4.97 3.42
CA LEU A 173 20.46 -4.28 4.57
C LEU A 173 20.44 -2.78 4.37
N GLU A 174 21.55 -2.22 3.85
CA GLU A 174 21.57 -0.79 3.53
C GLU A 174 20.47 -0.44 2.54
N THR A 175 20.25 -1.30 1.54
CA THR A 175 19.22 -1.04 0.54
C THR A 175 17.84 -0.99 1.17
N VAL A 176 17.56 -1.90 2.11
CA VAL A 176 16.27 -1.90 2.81
C VAL A 176 16.10 -0.62 3.62
N ILE A 177 17.09 -0.31 4.45
CA ILE A 177 16.95 0.79 5.40
C ILE A 177 16.84 2.13 4.68
N LEU A 178 17.69 2.35 3.67
CA LEU A 178 17.62 3.61 2.93
C LEU A 178 16.32 3.73 2.16
N GLY A 179 15.77 2.62 1.65
CA GLY A 179 14.48 2.67 1.00
C GLY A 179 13.35 3.02 1.96
N LEU A 180 13.42 2.49 3.19
CA LEU A 180 12.41 2.81 4.20
C LEU A 180 12.44 4.27 4.61
N LEU A 181 13.60 4.92 4.50
CA LEU A 181 13.73 6.32 4.89
C LEU A 181 13.14 7.28 3.88
N LYS A 182 12.77 6.82 2.70
CA LYS A 182 12.11 7.67 1.72
C LYS A 182 10.60 7.62 1.91
N THR A 183 9.94 8.75 1.61
CA THR A 183 8.49 8.73 1.52
C THR A 183 8.08 7.76 0.41
N PRO A 184 6.82 7.31 0.42
CA PRO A 184 6.38 6.40 -0.66
C PRO A 184 6.60 6.96 -2.05
N ALA A 185 6.31 8.24 -2.28
CA ALA A 185 6.51 8.83 -3.61
C ALA A 185 7.99 8.95 -3.95
N GLN A 186 8.81 9.34 -2.97
CA GLN A 186 10.25 9.42 -3.22
C GLN A 186 10.83 8.06 -3.55
N TYR A 187 10.40 7.02 -2.84
CA TYR A 187 10.93 5.68 -3.08
C TYR A 187 10.57 5.19 -4.47
N ASP A 188 9.29 5.33 -4.85
CA ASP A 188 8.87 4.90 -6.18
C ASP A 188 9.56 5.71 -7.27
N ALA A 189 9.73 7.02 -7.04
CA ALA A 189 10.39 7.84 -8.04
C ALA A 189 11.83 7.40 -8.26
N SER A 190 12.55 7.09 -7.17
CA SER A 190 13.94 6.66 -7.31
C SER A 190 14.04 5.27 -7.91
N GLU A 191 13.08 4.40 -7.63
CA GLU A 191 13.08 3.06 -8.24
C GLU A 191 12.78 3.15 -9.73
N LEU A 192 11.84 4.02 -10.11
CA LEU A 192 11.57 4.25 -11.54
C LEU A 192 12.79 4.82 -12.23
N LYS A 193 13.44 5.81 -11.61
CA LYS A 193 14.66 6.37 -12.18
C LYS A 193 15.72 5.30 -12.39
N ALA A 194 15.91 4.43 -11.39
CA ALA A 194 16.90 3.36 -11.50
C ALA A 194 16.52 2.38 -12.61
N SER A 195 15.22 2.14 -12.80
CA SER A 195 14.79 1.17 -13.81
C SER A 195 15.08 1.65 -15.21
N MET A 196 15.10 2.97 -15.44
CA MET A 196 15.37 3.51 -16.75
C MET A 196 16.84 3.81 -16.98
N LYS A 197 17.70 3.50 -16.02
CA LYS A 197 19.13 3.70 -16.14
C LYS A 197 19.67 3.03 -17.40
N GLY A 198 20.39 3.81 -18.19
CA GLY A 198 21.05 3.23 -19.36
C GLY A 198 20.13 3.03 -20.53
N LEU A 199 20.64 2.36 -21.55
CA LEU A 199 19.83 2.11 -22.77
C LEU A 199 18.55 1.43 -22.33
N GLY A 200 17.44 1.97 -22.73
CA GLY A 200 16.18 1.30 -22.43
C GLY A 200 15.92 1.19 -20.96
N THR A 201 15.40 0.04 -20.57
CA THR A 201 14.99 -0.05 -19.18
C THR A 201 14.95 -1.45 -18.61
N ASP A 202 14.97 -1.54 -17.29
CA ASP A 202 14.57 -2.76 -16.60
C ASP A 202 13.05 -2.82 -16.72
N GLU A 203 12.56 -3.45 -17.80
CA GLU A 203 11.13 -3.39 -18.09
C GLU A 203 10.31 -4.03 -16.98
N ASP A 204 10.84 -5.09 -16.36
N ASP A 204 10.83 -5.08 -16.36
CA ASP A 204 10.12 -5.78 -15.29
CA ASP A 204 10.08 -5.76 -15.30
C ASP A 204 9.79 -4.84 -14.14
C ASP A 204 9.78 -4.82 -14.14
N SER A 205 10.77 -4.06 -13.69
CA SER A 205 10.55 -3.14 -12.58
C SER A 205 9.67 -1.96 -12.99
N LEU A 206 9.90 -1.42 -14.20
CA LEU A 206 9.04 -0.35 -14.69
C LEU A 206 7.60 -0.81 -14.74
N ILE A 207 7.36 -2.00 -15.30
CA ILE A 207 6.02 -2.57 -15.36
C ILE A 207 5.41 -2.70 -13.97
N GLU A 208 6.19 -3.26 -13.03
CA GLU A 208 5.66 -3.54 -11.70
C GLU A 208 5.14 -2.28 -11.02
N ILE A 209 5.91 -1.18 -11.11
CA ILE A 209 5.50 0.06 -10.45
C ILE A 209 4.35 0.71 -11.21
N ILE A 210 4.50 0.86 -12.53
CA ILE A 210 3.51 1.63 -13.30
C ILE A 210 2.16 0.91 -13.34
N CYS A 211 2.18 -0.42 -13.39
CA CYS A 211 0.92 -1.15 -13.47
C CYS A 211 0.20 -1.27 -12.14
N SER A 212 0.90 -1.14 -11.01
CA SER A 212 0.29 -1.40 -9.70
C SER A 212 -0.12 -0.15 -8.93
N ARG A 213 0.39 1.03 -9.31
CA ARG A 213 0.12 2.24 -8.54
C ARG A 213 -1.19 2.88 -8.96
N THR A 214 -1.87 3.48 -7.98
CA THR A 214 -3.16 4.11 -8.19
C THR A 214 -2.99 5.53 -8.73
N ASN A 215 -4.11 6.15 -9.12
CA ASN A 215 -4.10 7.54 -9.57
C ASN A 215 -3.41 8.44 -8.55
N GLN A 216 -3.84 8.35 -7.29
CA GLN A 216 -3.31 9.21 -6.24
C GLN A 216 -1.81 8.99 -6.04
N GLU A 217 -1.37 7.73 -6.09
CA GLU A 217 0.05 7.43 -5.93
C GLU A 217 0.85 7.94 -7.13
N LEU A 218 0.32 7.76 -8.35
CA LEU A 218 1.03 8.22 -9.53
C LEU A 218 1.10 9.74 -9.58
N GLN A 219 0.03 10.42 -9.17
CA GLN A 219 0.05 11.88 -9.16
C GLN A 219 1.17 12.42 -8.26
N GLU A 220 1.37 11.78 -7.10
CA GLU A 220 2.42 12.21 -6.20
C GLU A 220 3.80 11.82 -6.74
N ILE A 221 3.91 10.65 -7.37
CA ILE A 221 5.17 10.24 -7.99
C ILE A 221 5.56 11.21 -9.09
N ASN A 222 4.60 11.57 -9.95
CA ASN A 222 4.90 12.50 -11.04
C ASN A 222 5.42 13.83 -10.52
N ARG A 223 4.85 14.33 -9.43
CA ARG A 223 5.30 15.60 -8.87
C ARG A 223 6.69 15.47 -8.26
N VAL A 224 6.89 14.44 -7.43
CA VAL A 224 8.17 14.26 -6.74
C VAL A 224 9.28 13.92 -7.72
N TYR A 225 8.97 13.16 -8.77
CA TYR A 225 9.97 12.85 -9.78
C TYR A 225 10.53 14.13 -10.40
N LYS A 226 9.65 15.06 -10.75
CA LYS A 226 10.07 16.32 -11.35
C LYS A 226 10.91 17.14 -10.37
N GLU A 227 10.56 17.11 -9.09
CA GLU A 227 11.34 17.85 -8.10
C GLU A 227 12.70 17.22 -7.88
N MET A 228 12.78 15.90 -7.87
CA MET A 228 14.05 15.22 -7.62
C MET A 228 14.98 15.27 -8.82
N TYR A 229 14.45 15.10 -10.02
CA TYR A 229 15.29 14.88 -11.20
C TYR A 229 15.17 15.99 -12.23
N LYS A 230 14.33 17.00 -12.00
CA LYS A 230 14.23 18.18 -12.86
C LYS A 230 13.79 17.80 -14.28
N THR A 231 13.06 16.70 -14.41
CA THR A 231 12.47 16.30 -15.67
C THR A 231 11.20 15.52 -15.37
N ASP A 232 10.27 15.54 -16.31
CA ASP A 232 9.03 14.81 -16.14
C ASP A 232 9.26 13.32 -16.24
N LEU A 233 8.54 12.56 -15.41
CA LEU A 233 8.58 11.11 -15.51
C LEU A 233 8.16 10.65 -16.90
N GLU A 234 7.14 11.29 -17.47
CA GLU A 234 6.66 10.89 -18.79
C GLU A 234 7.74 11.04 -19.84
N LYS A 235 8.54 12.11 -19.76
CA LYS A 235 9.58 12.30 -20.76
C LYS A 235 10.68 11.24 -20.63
N ASP A 236 11.02 10.86 -19.39
CA ASP A 236 12.00 9.79 -19.19
C ASP A 236 11.48 8.46 -19.70
N ILE A 237 10.20 8.16 -19.45
CA ILE A 237 9.60 6.95 -20.01
C ILE A 237 9.68 6.97 -21.53
N ILE A 238 9.34 8.12 -22.13
CA ILE A 238 9.33 8.23 -23.59
C ILE A 238 10.73 8.02 -24.16
N SER A 239 11.76 8.53 -23.46
N SER A 239 11.75 8.52 -23.46
CA SER A 239 13.11 8.44 -23.99
CA SER A 239 13.11 8.43 -23.97
C SER A 239 13.66 7.01 -23.93
C SER A 239 13.64 7.01 -23.95
N ASP A 240 13.15 6.17 -23.03
CA ASP A 240 13.73 4.84 -22.82
C ASP A 240 12.79 3.70 -23.16
N THR A 241 11.63 3.97 -23.74
CA THR A 241 10.74 2.92 -24.23
C THR A 241 10.32 3.26 -25.66
N SER A 242 9.69 2.29 -26.32
CA SER A 242 9.26 2.49 -27.71
C SER A 242 8.04 1.63 -28.00
N GLY A 243 7.40 1.92 -29.13
CA GLY A 243 6.31 1.10 -29.63
C GLY A 243 5.04 1.17 -28.78
N ASP A 244 4.24 0.11 -28.90
CA ASP A 244 3.01 0.02 -28.12
C ASP A 244 3.31 -0.11 -26.63
N PHE A 245 4.47 -0.67 -26.28
CA PHE A 245 4.86 -0.73 -24.87
C PHE A 245 4.99 0.67 -24.28
N ARG A 246 5.66 1.57 -25.01
CA ARG A 246 5.76 2.97 -24.56
C ARG A 246 4.38 3.59 -24.42
N LYS A 247 3.51 3.40 -25.41
CA LYS A 247 2.17 3.98 -25.35
C LYS A 247 1.42 3.52 -24.11
N LEU A 248 1.51 2.22 -23.79
CA LEU A 248 0.82 1.71 -22.61
C LEU A 248 1.42 2.28 -21.33
N MET A 249 2.75 2.29 -21.22
CA MET A 249 3.39 2.83 -20.02
C MET A 249 3.08 4.31 -19.83
N VAL A 250 3.12 5.08 -20.92
CA VAL A 250 2.84 6.51 -20.84
C VAL A 250 1.40 6.75 -20.40
N ALA A 251 0.46 6.00 -20.98
CA ALA A 251 -0.94 6.17 -20.64
C ALA A 251 -1.21 5.85 -19.17
N LEU A 252 -0.64 4.75 -18.68
CA LEU A 252 -0.84 4.37 -17.28
C LEU A 252 -0.21 5.39 -16.33
N ALA A 253 1.00 5.87 -16.65
CA ALA A 253 1.73 6.71 -15.72
C ALA A 253 1.09 8.08 -15.53
N LYS A 254 0.18 8.48 -16.42
CA LYS A 254 -0.53 9.75 -16.24
C LYS A 254 -1.43 9.73 -15.01
N GLY A 255 -1.86 8.55 -14.57
CA GLY A 255 -2.72 8.44 -13.40
C GLY A 255 -4.02 9.18 -13.58
N ARG A 256 -4.67 8.99 -14.73
CA ARG A 256 -5.94 9.64 -15.03
C ARG A 256 -7.04 8.62 -15.30
N ARG A 257 -6.90 7.44 -14.70
CA ARG A 257 -7.94 6.42 -14.79
C ARG A 257 -9.24 6.97 -14.18
N ALA A 258 -10.36 6.60 -14.80
CA ALA A 258 -11.67 6.98 -14.26
C ALA A 258 -11.79 6.52 -12.81
N GLU A 259 -12.24 7.42 -11.96
CA GLU A 259 -12.39 7.07 -10.54
C GLU A 259 -13.59 6.13 -10.36
N ASP A 260 -13.56 5.39 -9.26
CA ASP A 260 -14.65 4.47 -8.94
C ASP A 260 -15.97 5.21 -8.78
N GLY A 261 -16.77 5.23 -9.84
CA GLY A 261 -18.10 5.80 -9.72
C GLY A 261 -19.04 4.87 -8.98
N SER A 262 -19.95 5.47 -8.21
CA SER A 262 -20.93 4.68 -7.47
C SER A 262 -21.93 4.00 -8.39
N VAL A 263 -22.11 4.50 -9.61
CA VAL A 263 -23.04 3.93 -10.57
C VAL A 263 -22.28 3.00 -11.51
N ILE A 264 -22.76 1.77 -11.62
CA ILE A 264 -22.16 0.77 -12.50
C ILE A 264 -22.78 0.92 -13.89
N ASP A 265 -21.93 1.07 -14.91
CA ASP A 265 -22.39 1.30 -16.29
C ASP A 265 -22.37 -0.05 -17.02
N TYR A 266 -23.46 -0.81 -16.87
CA TYR A 266 -23.52 -2.15 -17.43
C TYR A 266 -23.49 -2.14 -18.95
N GLU A 267 -24.11 -1.14 -19.58
CA GLU A 267 -24.07 -1.08 -21.04
C GLU A 267 -22.64 -0.89 -21.53
N LEU A 268 -21.85 -0.06 -20.81
CA LEU A 268 -20.46 0.12 -21.17
C LEU A 268 -19.63 -1.11 -20.85
N ILE A 269 -19.98 -1.83 -19.77
CA ILE A 269 -19.29 -3.09 -19.47
C ILE A 269 -19.43 -4.05 -20.63
N ASP A 270 -20.64 -4.18 -21.17
CA ASP A 270 -20.87 -5.08 -22.29
C ASP A 270 -20.14 -4.59 -23.54
N GLN A 271 -20.19 -3.28 -23.81
CA GLN A 271 -19.55 -2.77 -25.02
C GLN A 271 -18.03 -2.90 -24.94
N ASP A 272 -17.46 -2.65 -23.76
CA ASP A 272 -16.02 -2.84 -23.60
C ASP A 272 -15.62 -4.29 -23.81
N ALA A 273 -16.43 -5.23 -23.29
CA ALA A 273 -16.14 -6.65 -23.49
C ALA A 273 -16.16 -7.02 -24.97
N ARG A 274 -17.19 -6.57 -25.69
CA ARG A 274 -17.24 -6.81 -27.13
C ARG A 274 -16.06 -6.18 -27.84
N ASP A 275 -15.72 -4.93 -27.47
CA ASP A 275 -14.62 -4.24 -28.13
C ASP A 275 -13.30 -4.97 -27.91
N LEU A 276 -13.07 -5.47 -26.70
CA LEU A 276 -11.84 -6.23 -26.43
C LEU A 276 -11.76 -7.49 -27.27
N TYR A 277 -12.89 -8.20 -27.41
CA TYR A 277 -12.92 -9.41 -28.23
C TYR A 277 -12.78 -9.06 -29.70
N ASP A 278 -13.54 -8.06 -30.18
CA ASP A 278 -13.44 -7.63 -31.57
C ASP A 278 -12.03 -7.19 -31.92
N ALA A 279 -11.29 -6.62 -30.96
CA ALA A 279 -9.98 -6.07 -31.24
C ALA A 279 -8.87 -7.11 -31.25
N GLY A 280 -9.13 -8.31 -30.70
CA GLY A 280 -8.07 -9.29 -30.57
C GLY A 280 -8.40 -10.67 -31.11
N VAL A 281 -8.96 -11.53 -30.27
CA VAL A 281 -9.14 -12.94 -30.60
C VAL A 281 -10.04 -13.11 -31.82
N LYS A 282 -10.99 -12.20 -32.03
CA LYS A 282 -11.94 -12.34 -33.13
C LYS A 282 -11.29 -12.12 -34.49
N ARG A 283 -10.20 -11.37 -34.56
CA ARG A 283 -9.66 -10.90 -35.83
C ARG A 283 -8.20 -11.31 -35.99
N LYS A 284 -7.75 -11.32 -37.24
CA LYS A 284 -6.33 -11.43 -37.51
C LYS A 284 -5.62 -10.20 -36.96
N GLY A 285 -4.55 -10.43 -36.21
CA GLY A 285 -3.84 -9.34 -35.57
C GLY A 285 -4.58 -8.82 -34.35
N THR A 286 -4.12 -7.67 -33.86
CA THR A 286 -4.67 -7.07 -32.66
C THR A 286 -4.73 -5.56 -32.83
N ASP A 287 -5.88 -4.97 -32.48
CA ASP A 287 -6.02 -3.51 -32.42
C ASP A 287 -5.54 -3.06 -31.05
N VAL A 288 -4.23 -2.88 -30.94
CA VAL A 288 -3.62 -2.58 -29.64
C VAL A 288 -4.10 -1.26 -29.06
N PRO A 289 -4.25 -0.16 -29.83
CA PRO A 289 -4.76 1.08 -29.21
C PRO A 289 -6.12 0.93 -28.56
N LYS A 290 -6.99 0.05 -29.09
CA LYS A 290 -8.27 -0.18 -28.42
C LYS A 290 -8.07 -0.84 -27.07
N TRP A 291 -7.20 -1.85 -26.99
CA TRP A 291 -6.90 -2.47 -25.71
C TRP A 291 -6.31 -1.47 -24.72
N ILE A 292 -5.41 -0.61 -25.19
CA ILE A 292 -4.78 0.37 -24.30
C ILE A 292 -5.82 1.34 -23.75
N SER A 293 -6.68 1.87 -24.62
CA SER A 293 -7.68 2.84 -24.19
C SER A 293 -8.59 2.27 -23.11
N ILE A 294 -9.10 1.06 -23.34
CA ILE A 294 -10.06 0.48 -22.41
C ILE A 294 -9.40 0.15 -21.08
N MET A 295 -8.21 -0.46 -21.12
CA MET A 295 -7.60 -0.95 -19.90
C MET A 295 -6.88 0.13 -19.10
N THR A 296 -6.67 1.32 -19.67
CA THR A 296 -6.08 2.42 -18.91
C THR A 296 -7.09 3.45 -18.46
N GLU A 297 -8.23 3.57 -19.14
CA GLU A 297 -9.18 4.64 -18.85
C GLU A 297 -10.34 4.23 -17.96
N ARG A 298 -10.78 2.98 -18.00
CA ARG A 298 -11.93 2.56 -17.19
C ARG A 298 -11.50 2.29 -15.76
N SER A 299 -12.44 2.48 -14.83
CA SER A 299 -12.16 2.25 -13.43
C SER A 299 -11.87 0.76 -13.18
N VAL A 300 -11.17 0.50 -12.08
CA VAL A 300 -10.80 -0.88 -11.75
C VAL A 300 -12.01 -1.77 -11.51
N PRO A 301 -13.03 -1.36 -10.72
CA PRO A 301 -14.21 -2.23 -10.58
C PRO A 301 -14.93 -2.46 -11.90
N HIS A 302 -14.97 -1.44 -12.77
CA HIS A 302 -15.57 -1.61 -14.09
C HIS A 302 -14.84 -2.68 -14.89
N LEU A 303 -13.51 -2.62 -14.90
CA LEU A 303 -12.73 -3.58 -15.70
C LEU A 303 -12.82 -5.00 -15.13
N GLN A 304 -12.94 -5.14 -13.81
CA GLN A 304 -13.18 -6.46 -13.24
C GLN A 304 -14.45 -7.08 -13.80
N LYS A 305 -15.50 -6.28 -13.96
CA LYS A 305 -16.74 -6.79 -14.56
C LYS A 305 -16.60 -6.97 -16.07
N VAL A 306 -15.80 -6.13 -16.72
CA VAL A 306 -15.57 -6.27 -18.16
C VAL A 306 -14.87 -7.59 -18.45
N PHE A 307 -13.84 -7.92 -17.65
CA PHE A 307 -13.12 -9.17 -17.88
C PHE A 307 -14.00 -10.39 -17.67
N ASP A 308 -15.03 -10.28 -16.81
CA ASP A 308 -15.96 -11.39 -16.66
C ASP A 308 -16.94 -11.46 -17.83
N ARG A 309 -17.47 -10.31 -18.26
CA ARG A 309 -18.34 -10.28 -19.43
C ARG A 309 -17.60 -10.70 -20.69
N TYR A 310 -16.30 -10.40 -20.75
CA TYR A 310 -15.47 -10.80 -21.89
C TYR A 310 -15.53 -12.31 -22.12
N LYS A 311 -15.60 -13.09 -21.04
CA LYS A 311 -15.68 -14.54 -21.16
C LYS A 311 -16.97 -14.99 -21.82
N SER A 312 -18.00 -14.14 -21.83
CA SER A 312 -19.24 -14.50 -22.51
C SER A 312 -19.05 -14.51 -24.02
N TYR A 313 -18.15 -13.67 -24.55
CA TYR A 313 -17.92 -13.57 -25.98
C TYR A 313 -16.71 -14.36 -26.46
N SER A 314 -15.64 -14.40 -25.65
CA SER A 314 -14.37 -14.94 -26.10
C SER A 314 -14.18 -16.38 -25.66
N PRO A 315 -13.51 -17.20 -26.48
CA PRO A 315 -13.21 -18.58 -26.05
C PRO A 315 -12.10 -18.66 -25.03
N TYR A 316 -11.38 -17.56 -24.79
CA TYR A 316 -10.30 -17.50 -23.81
C TYR A 316 -10.57 -16.37 -22.84
N ASP A 317 -10.03 -16.49 -21.63
CA ASP A 317 -10.15 -15.39 -20.68
C ASP A 317 -9.15 -14.29 -21.05
N MET A 318 -9.16 -13.20 -20.28
CA MET A 318 -8.38 -12.03 -20.67
C MET A 318 -6.88 -12.32 -20.64
N LEU A 319 -6.40 -13.00 -19.60
CA LEU A 319 -4.97 -13.31 -19.51
C LEU A 319 -4.53 -14.21 -20.67
N GLU A 320 -5.31 -15.26 -20.94
CA GLU A 320 -4.94 -16.15 -22.04
C GLU A 320 -5.02 -15.43 -23.38
N SER A 321 -6.01 -14.56 -23.55
CA SER A 321 -6.12 -13.79 -24.78
C SER A 321 -4.89 -12.90 -24.99
N ILE A 322 -4.38 -12.31 -23.91
CA ILE A 322 -3.18 -11.48 -24.01
C ILE A 322 -2.00 -12.29 -24.49
N ARG A 323 -1.82 -13.49 -23.91
CA ARG A 323 -0.70 -14.34 -24.31
C ARG A 323 -0.77 -14.70 -25.79
N LYS A 324 -1.97 -14.98 -26.29
CA LYS A 324 -2.10 -15.41 -27.69
C LYS A 324 -2.05 -14.24 -28.66
N GLU A 325 -2.41 -13.03 -28.23
CA GLU A 325 -2.54 -11.91 -29.15
C GLU A 325 -1.28 -11.07 -29.30
N VAL A 326 -0.52 -10.88 -28.23
CA VAL A 326 0.67 -10.02 -28.26
C VAL A 326 1.84 -10.77 -27.63
N LYS A 327 3.02 -10.15 -27.74
CA LYS A 327 4.25 -10.78 -27.31
C LYS A 327 5.18 -9.73 -26.72
N GLY A 328 6.32 -10.20 -26.19
CA GLY A 328 7.37 -9.32 -25.73
C GLY A 328 7.00 -8.47 -24.52
N ASP A 329 7.56 -7.26 -24.49
CA ASP A 329 7.32 -6.35 -23.37
C ASP A 329 5.85 -5.98 -23.27
N LEU A 330 5.18 -5.79 -24.41
CA LEU A 330 3.77 -5.44 -24.40
C LEU A 330 2.92 -6.52 -23.76
N GLU A 331 3.19 -7.79 -24.10
CA GLU A 331 2.47 -8.88 -23.46
C GLU A 331 2.71 -8.89 -21.95
N ASN A 332 3.98 -8.73 -21.55
CA ASN A 332 4.31 -8.72 -20.13
C ASN A 332 3.56 -7.62 -19.39
N ALA A 333 3.52 -6.42 -19.96
CA ALA A 333 2.85 -5.31 -19.30
C ALA A 333 1.35 -5.55 -19.17
N PHE A 334 0.70 -5.99 -20.25
CA PHE A 334 -0.73 -6.27 -20.20
C PHE A 334 -1.04 -7.36 -19.17
N LEU A 335 -0.21 -8.41 -19.13
CA LEU A 335 -0.44 -9.49 -18.16
C LEU A 335 -0.31 -8.97 -16.73
N ASN A 336 0.70 -8.14 -16.47
CA ASN A 336 0.86 -7.57 -15.13
C ASN A 336 -0.30 -6.63 -14.78
N LEU A 337 -0.75 -5.83 -15.75
CA LEU A 337 -1.83 -4.89 -15.49
C LEU A 337 -3.13 -5.61 -15.16
N VAL A 338 -3.46 -6.66 -15.91
CA VAL A 338 -4.71 -7.38 -15.66
C VAL A 338 -4.67 -8.06 -14.30
N GLN A 339 -3.52 -8.61 -13.92
CA GLN A 339 -3.37 -9.18 -12.58
C GLN A 339 -3.59 -8.11 -11.51
N CYS A 340 -3.02 -6.92 -11.70
CA CYS A 340 -3.20 -5.84 -10.73
C CYS A 340 -4.67 -5.42 -10.65
N ILE A 341 -5.38 -5.46 -11.78
CA ILE A 341 -6.80 -5.11 -11.76
C ILE A 341 -7.60 -6.19 -11.05
N GLN A 342 -7.31 -7.46 -11.30
CA GLN A 342 -8.11 -8.55 -10.77
C GLN A 342 -7.84 -8.79 -9.28
N ASN A 343 -6.56 -8.87 -8.91
CA ASN A 343 -6.21 -9.21 -7.52
C ASN A 343 -4.76 -8.75 -7.28
N LYS A 344 -4.61 -7.52 -6.79
CA LYS A 344 -3.29 -6.92 -6.61
C LYS A 344 -2.49 -7.59 -5.49
N PRO A 345 -3.08 -7.93 -4.33
CA PRO A 345 -2.31 -8.66 -3.33
C PRO A 345 -1.79 -10.00 -3.84
N LEU A 346 -2.61 -10.74 -4.60
CA LEU A 346 -2.13 -11.96 -5.22
C LEU A 346 -1.01 -11.68 -6.21
N TYR A 347 -1.13 -10.58 -6.96
CA TYR A 347 -0.08 -10.18 -7.88
C TYR A 347 1.26 -10.03 -7.16
N PHE A 348 1.26 -9.34 -6.02
CA PHE A 348 2.51 -9.16 -5.29
C PHE A 348 2.97 -10.44 -4.60
N ALA A 349 2.03 -11.28 -4.17
CA ALA A 349 2.41 -12.58 -3.63
C ALA A 349 3.14 -13.42 -4.67
N ASP A 350 2.65 -13.39 -5.92
CA ASP A 350 3.31 -14.15 -6.98
C ASP A 350 4.69 -13.59 -7.30
N ARG A 351 4.82 -12.26 -7.36
CA ARG A 351 6.14 -11.69 -7.63
C ARG A 351 7.12 -11.96 -6.50
N LEU A 352 6.63 -11.98 -5.25
CA LEU A 352 7.48 -12.35 -4.12
C LEU A 352 7.95 -13.80 -4.24
N TYR A 353 7.02 -14.72 -4.49
CA TYR A 353 7.40 -16.11 -4.69
C TYR A 353 8.45 -16.25 -5.78
N ASP A 354 8.23 -15.58 -6.92
CA ASP A 354 9.17 -15.67 -8.03
C ASP A 354 10.54 -15.10 -7.67
N SER A 355 10.59 -14.11 -6.78
CA SER A 355 11.86 -13.52 -6.41
C SER A 355 12.70 -14.45 -5.54
N MET A 356 12.10 -15.48 -4.95
CA MET A 356 12.80 -16.36 -4.02
C MET A 356 12.81 -17.83 -4.42
N LYS A 357 11.97 -18.25 -5.36
CA LYS A 357 11.71 -19.68 -5.53
C LYS A 357 12.93 -20.45 -5.98
N GLY A 358 13.80 -19.86 -6.81
CA GLY A 358 14.88 -20.57 -7.44
C GLY A 358 16.23 -20.29 -6.81
N LYS A 359 17.28 -20.57 -7.58
CA LYS A 359 18.63 -20.29 -7.14
C LYS A 359 18.80 -18.83 -6.79
N GLY A 360 19.40 -18.56 -5.63
CA GLY A 360 19.61 -17.20 -5.20
C GLY A 360 18.30 -16.46 -4.92
N THR A 361 18.40 -15.14 -4.94
CA THR A 361 17.28 -14.26 -4.63
C THR A 361 17.33 -13.04 -5.54
N ARG A 362 16.17 -12.66 -6.07
CA ARG A 362 16.01 -11.41 -6.80
C ARG A 362 15.76 -10.29 -5.78
N ASP A 363 16.84 -9.94 -5.07
CA ASP A 363 16.72 -9.04 -3.92
C ASP A 363 16.12 -7.70 -4.32
N LYS A 364 16.41 -7.21 -5.53
CA LYS A 364 15.84 -5.94 -5.99
C LYS A 364 14.32 -5.98 -5.94
N VAL A 365 13.72 -7.08 -6.38
CA VAL A 365 12.26 -7.21 -6.35
C VAL A 365 11.77 -7.44 -4.93
N LEU A 366 12.42 -8.37 -4.21
CA LEU A 366 12.00 -8.70 -2.86
C LEU A 366 12.01 -7.45 -1.96
N ILE A 367 13.09 -6.68 -2.00
CA ILE A 367 13.21 -5.50 -1.17
C ILE A 367 12.13 -4.47 -1.52
N ARG A 368 11.97 -4.19 -2.82
CA ARG A 368 11.06 -3.12 -3.23
C ARG A 368 9.63 -3.43 -2.82
N ILE A 369 9.20 -4.68 -2.97
CA ILE A 369 7.83 -5.04 -2.61
C ILE A 369 7.64 -4.96 -1.10
N MET A 370 8.60 -5.46 -0.32
CA MET A 370 8.45 -5.43 1.13
C MET A 370 8.45 -4.00 1.65
N VAL A 371 9.30 -3.14 1.10
CA VAL A 371 9.34 -1.74 1.53
C VAL A 371 8.05 -1.02 1.14
N SER A 372 7.62 -1.20 -0.11
CA SER A 372 6.53 -0.37 -0.64
C SER A 372 5.15 -0.88 -0.24
N ARG A 373 4.98 -2.16 0.07
CA ARG A 373 3.65 -2.68 0.39
C ARG A 373 3.46 -2.98 1.87
N SER A 374 4.50 -2.80 2.69
CA SER A 374 4.40 -3.11 4.11
C SER A 374 3.28 -2.35 4.80
N GLU A 375 3.00 -1.13 4.35
CA GLU A 375 1.96 -0.30 4.93
C GLU A 375 0.73 -0.20 4.04
N VAL A 376 0.67 -0.94 2.93
CA VAL A 376 -0.45 -0.82 2.01
C VAL A 376 -1.38 -2.02 2.14
N ASP A 377 -0.87 -3.22 1.84
CA ASP A 377 -1.74 -4.40 1.81
C ASP A 377 -0.95 -5.66 2.14
N MET A 378 0.00 -5.56 3.08
CA MET A 378 0.85 -6.70 3.39
C MET A 378 0.06 -7.85 4.01
N LEU A 379 -0.99 -7.54 4.77
CA LEU A 379 -1.83 -8.60 5.34
C LEU A 379 -2.54 -9.40 4.24
N LYS A 380 -3.07 -8.71 3.23
CA LYS A 380 -3.71 -9.41 2.12
C LYS A 380 -2.69 -10.16 1.27
N ILE A 381 -1.49 -9.62 1.12
CA ILE A 381 -0.42 -10.32 0.40
C ILE A 381 -0.07 -11.60 1.14
N ARG A 382 0.13 -11.50 2.46
CA ARG A 382 0.44 -12.68 3.26
C ARG A 382 -0.66 -13.73 3.16
N SER A 383 -1.92 -13.29 3.15
CA SER A 383 -3.03 -14.23 3.08
C SER A 383 -3.09 -14.92 1.72
N GLU A 384 -2.92 -14.17 0.62
CA GLU A 384 -2.90 -14.78 -0.69
C GLU A 384 -1.71 -15.72 -0.83
N PHE A 385 -0.56 -15.34 -0.25
CA PHE A 385 0.64 -16.15 -0.36
C PHE A 385 0.47 -17.49 0.34
N LYS A 386 0.07 -17.47 1.61
CA LYS A 386 -0.14 -18.71 2.35
C LYS A 386 -1.16 -19.60 1.69
N ARG A 387 -2.25 -19.02 1.17
CA ARG A 387 -3.30 -19.81 0.56
C ARG A 387 -2.81 -20.51 -0.71
N LYS A 388 -2.01 -19.83 -1.51
CA LYS A 388 -1.57 -20.41 -2.78
C LYS A 388 -0.38 -21.35 -2.58
N TYR A 389 0.60 -20.94 -1.78
CA TYR A 389 1.86 -21.66 -1.70
C TYR A 389 1.97 -22.58 -0.49
N GLY A 390 0.99 -22.55 0.42
CA GLY A 390 0.94 -23.52 1.50
C GLY A 390 1.80 -23.16 2.69
N LYS A 391 2.90 -22.47 2.45
CA LYS A 391 3.75 -21.94 3.50
C LYS A 391 3.63 -20.42 3.53
N SER A 392 4.07 -19.83 4.64
CA SER A 392 3.94 -18.40 4.81
C SER A 392 5.01 -17.64 4.05
N LEU A 393 4.70 -16.38 3.73
CA LEU A 393 5.71 -15.46 3.20
C LEU A 393 6.90 -15.36 4.15
N TYR A 394 6.62 -15.29 5.45
CA TYR A 394 7.65 -15.31 6.49
C TYR A 394 8.63 -16.45 6.28
N TYR A 395 8.10 -17.66 6.03
CA TYR A 395 8.96 -18.84 5.85
C TYR A 395 9.87 -18.69 4.65
N TYR A 396 9.34 -18.20 3.53
CA TYR A 396 10.16 -18.07 2.33
C TYR A 396 11.26 -17.03 2.52
N ILE A 397 10.94 -15.92 3.18
CA ILE A 397 11.96 -14.93 3.51
C ILE A 397 13.04 -15.55 4.40
N GLN A 398 12.61 -16.35 5.38
CA GLN A 398 13.57 -16.99 6.29
C GLN A 398 14.52 -17.91 5.55
N GLN A 399 14.04 -18.61 4.52
CA GLN A 399 14.89 -19.56 3.82
C GLN A 399 15.79 -18.90 2.79
N ASP A 400 15.45 -17.70 2.32
CA ASP A 400 16.21 -17.06 1.25
C ASP A 400 17.12 -15.94 1.70
N THR A 401 16.93 -15.41 2.90
CA THR A 401 17.75 -14.33 3.42
C THR A 401 18.22 -14.69 4.82
N LYS A 402 19.31 -14.06 5.26
CA LYS A 402 19.93 -14.37 6.53
C LYS A 402 20.34 -13.10 7.26
N GLY A 403 20.56 -13.24 8.57
CA GLY A 403 21.15 -12.18 9.35
C GLY A 403 20.18 -11.04 9.64
N ASP A 404 20.75 -9.84 9.80
CA ASP A 404 19.93 -8.67 10.08
C ASP A 404 19.13 -8.23 8.87
N TYR A 405 19.63 -8.52 7.66
CA TYR A 405 18.84 -8.32 6.45
C TYR A 405 17.54 -9.12 6.52
N GLN A 406 17.65 -10.40 6.87
CA GLN A 406 16.45 -11.23 7.08
C GLN A 406 15.55 -10.64 8.16
N LYS A 407 16.14 -10.22 9.28
CA LYS A 407 15.36 -9.68 10.39
C LYS A 407 14.57 -8.45 9.94
N ALA A 408 15.19 -7.58 9.15
CA ALA A 408 14.50 -6.40 8.64
C ALA A 408 13.31 -6.79 7.78
N LEU A 409 13.51 -7.74 6.86
CA LEU A 409 12.41 -8.15 5.98
C LEU A 409 11.31 -8.84 6.76
N LEU A 410 11.67 -9.64 7.77
CA LEU A 410 10.66 -10.32 8.57
C LEU A 410 9.80 -9.34 9.35
N TYR A 411 10.40 -8.25 9.83
CA TYR A 411 9.63 -7.21 10.51
C TYR A 411 8.67 -6.51 9.54
N LEU A 412 9.11 -6.24 8.31
CA LEU A 412 8.22 -5.63 7.33
C LEU A 412 7.11 -6.59 6.94
N CYS A 413 7.40 -7.89 6.92
CA CYS A 413 6.35 -8.88 6.75
C CYS A 413 5.33 -8.80 7.87
N GLY A 414 5.79 -8.62 9.11
CA GLY A 414 4.92 -8.36 10.23
C GLY A 414 4.55 -9.57 11.06
N GLY A 415 4.80 -10.77 10.58
CA GLY A 415 4.48 -11.95 11.35
C GLY A 415 4.41 -13.19 10.48
N ASP A 416 4.38 -14.33 11.15
CA ASP A 416 4.28 -15.63 10.51
C ASP A 416 2.82 -16.03 10.37
N ASP A 417 2.52 -16.82 9.34
CA ASP A 417 1.16 -17.29 9.10
C ASP A 417 1.09 -18.82 9.12
N HIS B 4 -1.95 18.49 12.96
CA HIS B 4 -2.94 18.36 14.02
C HIS B 4 -4.10 17.48 13.61
N PHE B 5 -4.43 16.50 14.46
CA PHE B 5 -5.59 15.65 14.29
C PHE B 5 -6.47 15.76 15.52
N ARG B 6 -7.77 15.58 15.32
CA ARG B 6 -8.74 15.80 16.39
C ARG B 6 -9.00 14.51 17.17
N GLU B 7 -9.03 14.65 18.49
CA GLU B 7 -9.43 13.59 19.40
C GLU B 7 -10.48 14.15 20.34
N THR B 8 -11.59 13.43 20.51
CA THR B 8 -12.75 13.97 21.21
C THR B 8 -13.27 12.96 22.22
N GLU B 9 -13.50 13.43 23.45
CA GLU B 9 -14.08 12.59 24.48
C GLU B 9 -15.60 12.58 24.34
N VAL B 10 -16.19 11.38 24.42
CA VAL B 10 -17.63 11.23 24.33
C VAL B 10 -18.16 10.45 25.53
#